data_6DGC
#
_entry.id   6DGC
#
_cell.length_a   97.080
_cell.length_b   212.320
_cell.length_c   61.600
_cell.angle_alpha   90.000
_cell.angle_beta   126.680
_cell.angle_gamma   90.000
#
_symmetry.space_group_name_H-M   'C 1 2 1'
#
_entity_poly.entity_id   1
_entity_poly.type   'polypeptide(L)'
_entity_poly.pdbx_seq_one_letter_code
;IRAVIYARVSSSDQKEDLERQINYLTNYATAKGYKVVEVLKDIASGLNTQRKGLLKLFKLVEGRSVDVVLITYKDRLTRF
GFEYIEELFSTMGVKIEVVFGEEPKDATQELVEDLISIITSFAGKIYGMRSHKKTVLVQGVKKLIGE
;
_entity_poly.pdbx_strand_id   A,B,C,D
#
# COMPACT_ATOMS: atom_id res chain seq x y z
N ILE A 1 -20.93 14.27 -18.71
CA ILE A 1 -20.18 15.44 -19.18
C ILE A 1 -19.59 16.25 -18.00
N ARG A 2 -20.41 17.01 -17.22
CA ARG A 2 -19.91 17.72 -16.04
C ARG A 2 -19.81 16.68 -14.91
N ALA A 3 -18.62 16.49 -14.31
CA ALA A 3 -18.36 15.46 -13.29
C ALA A 3 -17.77 15.99 -11.99
N VAL A 4 -18.12 15.34 -10.87
CA VAL A 4 -17.63 15.66 -9.52
C VAL A 4 -16.94 14.40 -8.93
N ILE A 5 -15.69 14.57 -8.48
CA ILE A 5 -14.97 13.44 -7.93
C ILE A 5 -15.16 13.33 -6.43
N TYR A 6 -15.64 12.18 -5.93
CA TYR A 6 -15.70 11.91 -4.50
C TYR A 6 -14.69 10.82 -4.10
N ALA A 7 -13.76 11.20 -3.21
CA ALA A 7 -12.70 10.32 -2.71
C ALA A 7 -12.74 10.31 -1.20
N ARG A 8 -12.47 9.15 -0.58
CA ARG A 8 -12.50 9.03 0.87
C ARG A 8 -11.57 7.96 1.38
N VAL A 9 -10.90 8.27 2.51
CA VAL A 9 -10.01 7.39 3.27
C VAL A 9 -10.44 7.49 4.74
N SER A 10 -10.36 6.39 5.49
CA SER A 10 -10.78 6.37 6.88
C SER A 10 -9.80 7.04 7.84
N SER A 11 -8.49 6.78 7.66
CA SER A 11 -7.40 7.28 8.52
C SER A 11 -6.52 8.38 7.92
N SER A 12 -5.83 9.14 8.79
CA SER A 12 -4.90 10.21 8.42
C SER A 12 -3.64 9.63 7.75
N ASP A 13 -3.22 8.42 8.19
CA ASP A 13 -2.08 7.67 7.68
C ASP A 13 -2.26 7.27 6.20
N GLN A 14 -3.52 7.04 5.78
CA GLN A 14 -3.91 6.66 4.43
C GLN A 14 -3.99 7.87 3.45
N LYS A 15 -3.47 9.07 3.86
CA LYS A 15 -3.45 10.32 3.07
C LYS A 15 -2.89 10.15 1.65
N GLU A 16 -1.90 9.24 1.47
CA GLU A 16 -1.27 8.89 0.18
C GLU A 16 -2.22 8.12 -0.74
N ASP A 17 -3.04 7.21 -0.16
CA ASP A 17 -4.00 6.40 -0.91
C ASP A 17 -5.19 7.22 -1.42
N LEU A 18 -5.53 8.34 -0.74
CA LEU A 18 -6.62 9.26 -1.13
C LEU A 18 -6.19 10.05 -2.36
N GLU A 19 -4.92 10.48 -2.42
CA GLU A 19 -4.42 11.20 -3.59
C GLU A 19 -4.34 10.29 -4.82
N ARG A 20 -4.06 8.97 -4.61
CA ARG A 20 -4.03 7.97 -5.69
C ARG A 20 -5.46 7.81 -6.26
N GLN A 21 -6.48 7.81 -5.37
CA GLN A 21 -7.91 7.69 -5.67
C GLN A 21 -8.32 8.81 -6.61
N ILE A 22 -8.05 10.09 -6.18
CA ILE A 22 -8.34 11.33 -6.91
C ILE A 22 -7.75 11.26 -8.27
N ASN A 23 -6.51 10.76 -8.34
CA ASN A 23 -5.78 10.64 -9.59
C ASN A 23 -6.36 9.60 -10.53
N TYR A 24 -6.73 8.40 -10.02
CA TYR A 24 -7.34 7.40 -10.89
C TYR A 24 -8.55 8.02 -11.60
N LEU A 25 -9.42 8.65 -10.83
CA LEU A 25 -10.68 9.23 -11.30
C LEU A 25 -10.47 10.49 -12.17
N THR A 26 -9.51 11.37 -11.83
CA THR A 26 -9.20 12.58 -12.63
C THR A 26 -8.80 12.21 -14.04
N ASN A 27 -7.95 11.18 -14.20
CA ASN A 27 -7.54 10.74 -15.53
C ASN A 27 -8.67 9.97 -16.23
N TYR A 28 -9.31 9.04 -15.53
CA TYR A 28 -10.49 8.30 -16.00
C TYR A 28 -11.41 9.25 -16.74
N ALA A 29 -11.72 10.39 -16.08
CA ALA A 29 -12.56 11.49 -16.54
C ALA A 29 -12.02 12.16 -17.81
N THR A 30 -10.72 12.55 -17.85
CA THR A 30 -10.16 13.18 -19.04
C THR A 30 -10.16 12.23 -20.25
N ALA A 31 -10.14 10.91 -19.96
CA ALA A 31 -10.18 9.86 -20.98
C ALA A 31 -11.62 9.70 -21.41
N LYS A 32 -12.56 9.88 -20.46
CA LYS A 32 -14.01 9.83 -20.68
C LYS A 32 -14.44 11.12 -21.40
N GLY A 33 -13.55 12.13 -21.42
CA GLY A 33 -13.84 13.44 -21.96
C GLY A 33 -14.62 14.33 -21.00
N TYR A 34 -15.03 13.81 -19.81
CA TYR A 34 -15.77 14.54 -18.77
C TYR A 34 -14.98 15.75 -18.29
N LYS A 35 -15.65 16.89 -18.07
CA LYS A 35 -14.98 18.05 -17.50
C LYS A 35 -15.14 17.89 -15.98
N VAL A 36 -14.02 17.82 -15.24
CA VAL A 36 -14.12 17.66 -13.79
C VAL A 36 -14.43 19.04 -13.19
N VAL A 37 -15.67 19.21 -12.71
CA VAL A 37 -16.15 20.47 -12.13
C VAL A 37 -15.50 20.72 -10.77
N GLU A 38 -15.53 19.73 -9.86
CA GLU A 38 -14.98 19.83 -8.52
C GLU A 38 -14.45 18.49 -8.06
N VAL A 39 -13.54 18.49 -7.07
CA VAL A 39 -13.01 17.28 -6.43
C VAL A 39 -13.27 17.42 -4.92
N LEU A 40 -14.13 16.56 -4.37
CA LEU A 40 -14.47 16.57 -2.95
C LEU A 40 -13.90 15.33 -2.26
N LYS A 41 -13.23 15.53 -1.12
CA LYS A 41 -12.58 14.46 -0.39
C LYS A 41 -12.96 14.51 1.10
N ASP A 42 -12.64 13.43 1.85
CA ASP A 42 -12.87 13.29 3.29
C ASP A 42 -11.94 12.26 3.89
N ILE A 43 -11.40 12.56 5.08
CA ILE A 43 -10.58 11.63 5.86
C ILE A 43 -11.45 11.23 7.06
N ALA A 44 -12.44 10.35 6.80
CA ALA A 44 -13.40 9.86 7.79
C ALA A 44 -14.02 8.52 7.40
N SER A 45 -14.71 7.87 8.35
CA SER A 45 -15.36 6.57 8.17
C SER A 45 -16.59 6.70 7.27
N GLY A 46 -16.87 5.63 6.50
CA GLY A 46 -18.05 5.53 5.64
C GLY A 46 -19.34 5.56 6.43
N LEU A 47 -19.24 5.22 7.74
CA LEU A 47 -20.32 5.19 8.73
C LEU A 47 -20.79 6.61 9.12
N ASN A 48 -19.94 7.64 8.94
CA ASN A 48 -20.32 9.01 9.26
C ASN A 48 -21.14 9.64 8.13
N THR A 49 -22.45 9.76 8.36
CA THR A 49 -23.43 10.33 7.44
C THR A 49 -23.32 11.87 7.33
N GLN A 50 -22.50 12.47 8.20
CA GLN A 50 -22.38 13.91 8.28
C GLN A 50 -20.99 14.44 7.89
N ARG A 51 -20.31 13.72 6.95
CA ARG A 51 -19.01 14.10 6.40
C ARG A 51 -19.12 15.42 5.67
N LYS A 52 -18.23 16.39 6.01
CA LYS A 52 -18.20 17.74 5.45
C LYS A 52 -18.22 17.73 3.92
N GLY A 53 -17.44 16.83 3.31
CA GLY A 53 -17.33 16.64 1.87
C GLY A 53 -18.59 16.05 1.28
N LEU A 54 -19.08 14.95 1.87
CA LEU A 54 -20.33 14.31 1.46
C LEU A 54 -21.46 15.39 1.39
N LEU A 55 -21.58 16.22 2.44
CA LEU A 55 -22.65 17.19 2.49
C LEU A 55 -22.45 18.33 1.47
N LYS A 56 -21.20 18.60 1.05
CA LYS A 56 -20.89 19.60 -0.01
C LYS A 56 -21.28 19.00 -1.36
N LEU A 57 -21.08 17.66 -1.51
CA LEU A 57 -21.46 16.87 -2.69
C LEU A 57 -22.97 16.86 -2.85
N PHE A 58 -23.69 16.64 -1.72
CA PHE A 58 -25.15 16.64 -1.71
C PHE A 58 -25.68 17.98 -2.23
N LYS A 59 -25.12 19.10 -1.72
CA LYS A 59 -25.52 20.46 -2.13
C LYS A 59 -25.19 20.74 -3.60
N LEU A 60 -24.04 20.21 -4.10
CA LEU A 60 -23.61 20.37 -5.49
C LEU A 60 -24.61 19.70 -6.45
N VAL A 61 -24.93 18.42 -6.18
CA VAL A 61 -25.88 17.59 -6.94
C VAL A 61 -27.27 18.23 -6.91
N GLU A 62 -27.75 18.68 -5.72
CA GLU A 62 -29.04 19.36 -5.53
C GLU A 62 -29.15 20.71 -6.33
N GLY A 63 -28.00 21.36 -6.53
CA GLY A 63 -27.90 22.60 -7.29
C GLY A 63 -27.91 22.39 -8.79
N ARG A 64 -28.04 21.10 -9.23
CA ARG A 64 -28.09 20.63 -10.63
C ARG A 64 -26.92 21.14 -11.49
N SER A 65 -25.78 21.44 -10.82
CA SER A 65 -24.55 21.96 -11.45
C SER A 65 -23.81 20.84 -12.20
N VAL A 66 -23.64 19.70 -11.52
CA VAL A 66 -22.98 18.48 -11.97
C VAL A 66 -23.97 17.47 -12.62
N ASP A 67 -23.46 16.62 -13.53
CA ASP A 67 -24.23 15.60 -14.26
C ASP A 67 -23.89 14.13 -13.86
N VAL A 68 -22.67 13.89 -13.31
CA VAL A 68 -22.18 12.57 -12.88
C VAL A 68 -21.22 12.66 -11.66
N VAL A 69 -21.22 11.63 -10.77
CA VAL A 69 -20.37 11.52 -9.57
C VAL A 69 -19.46 10.32 -9.80
N LEU A 70 -18.16 10.53 -9.67
CA LEU A 70 -17.20 9.45 -9.84
C LEU A 70 -16.60 9.02 -8.49
N ILE A 71 -16.62 7.71 -8.22
CA ILE A 71 -16.04 7.07 -7.02
C ILE A 71 -15.32 5.79 -7.49
N THR A 72 -14.26 5.33 -6.73
CA THR A 72 -13.54 4.11 -7.12
C THR A 72 -14.36 2.88 -6.82
N TYR A 73 -14.89 2.78 -5.58
CA TYR A 73 -15.74 1.70 -5.07
C TYR A 73 -16.93 2.33 -4.36
N LYS A 74 -18.09 1.61 -4.31
CA LYS A 74 -19.31 2.07 -3.65
C LYS A 74 -19.00 2.48 -2.20
N ASP A 75 -18.20 1.62 -1.53
CA ASP A 75 -17.62 1.68 -0.19
C ASP A 75 -17.18 3.13 0.21
N ARG A 76 -16.50 3.84 -0.73
CA ARG A 76 -16.02 5.20 -0.60
C ARG A 76 -17.13 6.20 -0.32
N LEU A 77 -18.26 6.10 -1.05
CA LEU A 77 -19.37 7.05 -0.88
C LEU A 77 -19.99 6.92 0.51
N THR A 78 -20.26 5.68 0.95
CA THR A 78 -20.90 5.38 2.23
C THR A 78 -20.82 3.90 2.57
N ARG A 79 -20.67 3.56 3.88
CA ARG A 79 -20.64 2.17 4.34
C ARG A 79 -22.02 1.55 4.18
N PHE A 80 -23.07 2.28 4.63
CA PHE A 80 -24.47 1.82 4.53
C PHE A 80 -25.36 2.82 3.81
N GLY A 81 -26.45 2.32 3.24
CA GLY A 81 -27.44 3.15 2.59
C GLY A 81 -27.03 3.83 1.29
N PHE A 82 -26.19 3.15 0.46
CA PHE A 82 -25.78 3.66 -0.85
C PHE A 82 -27.01 3.89 -1.72
N GLU A 83 -27.99 3.00 -1.63
CA GLU A 83 -29.24 3.00 -2.41
C GLU A 83 -30.04 4.25 -2.20
N TYR A 84 -30.01 4.83 -0.96
CA TYR A 84 -30.70 6.08 -0.62
C TYR A 84 -30.00 7.25 -1.30
N ILE A 85 -28.64 7.26 -1.26
CA ILE A 85 -27.84 8.31 -1.90
C ILE A 85 -28.07 8.26 -3.40
N GLU A 86 -28.07 7.03 -3.98
CA GLU A 86 -28.33 6.74 -5.39
C GLU A 86 -29.68 7.33 -5.78
N GLU A 87 -30.69 7.17 -4.91
CA GLU A 87 -32.04 7.70 -5.15
C GLU A 87 -32.09 9.23 -5.07
N LEU A 88 -31.36 9.83 -4.11
CA LEU A 88 -31.32 11.28 -3.93
C LEU A 88 -30.73 11.93 -5.17
N PHE A 89 -29.60 11.37 -5.67
CA PHE A 89 -28.87 11.82 -6.84
C PHE A 89 -29.68 11.67 -8.11
N SER A 90 -30.23 10.48 -8.35
CA SER A 90 -31.06 10.20 -9.52
C SER A 90 -32.22 11.16 -9.70
N THR A 91 -32.85 11.64 -8.61
CA THR A 91 -33.97 12.59 -8.70
C THR A 91 -33.48 13.94 -9.22
N MET A 92 -32.17 14.22 -9.04
CA MET A 92 -31.51 15.42 -9.55
C MET A 92 -30.89 15.13 -10.95
N GLY A 93 -31.14 13.92 -11.48
CA GLY A 93 -30.64 13.47 -12.78
C GLY A 93 -29.14 13.27 -12.81
N VAL A 94 -28.55 12.90 -11.67
CA VAL A 94 -27.13 12.68 -11.50
C VAL A 94 -26.91 11.19 -11.35
N LYS A 95 -25.96 10.64 -12.14
CA LYS A 95 -25.60 9.24 -12.13
C LYS A 95 -24.35 9.06 -11.29
N ILE A 96 -24.22 7.91 -10.59
CA ILE A 96 -23.00 7.56 -9.85
C ILE A 96 -22.25 6.53 -10.71
N GLU A 97 -21.03 6.87 -11.15
CA GLU A 97 -20.23 5.97 -11.94
C GLU A 97 -19.19 5.28 -11.01
N VAL A 98 -19.36 3.96 -10.76
CA VAL A 98 -18.45 3.18 -9.92
C VAL A 98 -17.38 2.46 -10.81
N VAL A 99 -16.14 2.99 -10.85
CA VAL A 99 -15.06 2.46 -11.68
C VAL A 99 -14.77 0.96 -11.42
N PHE A 100 -14.82 0.49 -10.15
CA PHE A 100 -14.51 -0.91 -9.80
C PHE A 100 -15.60 -1.76 -9.11
N GLY A 101 -15.43 -3.08 -9.22
CA GLY A 101 -16.32 -4.07 -8.61
C GLY A 101 -15.79 -4.79 -7.37
N GLU A 102 -15.76 -6.13 -7.45
CA GLU A 102 -15.35 -7.07 -6.37
C GLU A 102 -13.82 -7.10 -6.13
N GLU A 103 -13.17 -5.96 -6.45
CA GLU A 103 -11.72 -5.72 -6.36
C GLU A 103 -11.14 -5.40 -4.91
N PRO A 104 -11.91 -4.97 -3.87
CA PRO A 104 -11.28 -4.70 -2.55
C PRO A 104 -10.24 -5.75 -2.11
N LYS A 105 -8.99 -5.34 -1.79
CA LYS A 105 -7.96 -6.31 -1.38
C LYS A 105 -7.33 -6.03 0.00
N ASP A 106 -7.14 -4.74 0.31
CA ASP A 106 -6.54 -4.28 1.56
C ASP A 106 -7.64 -3.90 2.53
N ALA A 107 -8.86 -3.67 2.00
CA ALA A 107 -10.10 -3.23 2.65
C ALA A 107 -10.42 -3.89 4.01
N THR A 108 -9.83 -5.07 4.28
CA THR A 108 -9.99 -5.86 5.52
C THR A 108 -9.71 -5.00 6.78
N GLN A 109 -8.76 -4.04 6.73
CA GLN A 109 -8.49 -3.19 7.90
C GLN A 109 -9.59 -2.16 8.14
N GLU A 110 -10.21 -1.64 7.08
CA GLU A 110 -11.30 -0.67 7.17
C GLU A 110 -12.61 -1.37 7.59
N LEU A 111 -12.83 -2.60 7.10
CA LEU A 111 -13.99 -3.42 7.42
C LEU A 111 -13.99 -3.81 8.90
N VAL A 112 -12.82 -4.16 9.45
CA VAL A 112 -12.73 -4.56 10.87
C VAL A 112 -12.88 -3.33 11.78
N GLU A 113 -12.35 -2.15 11.36
CA GLU A 113 -12.44 -0.92 12.16
C GLU A 113 -13.89 -0.48 12.25
N ASP A 114 -14.63 -0.55 11.11
CA ASP A 114 -16.04 -0.22 11.00
C ASP A 114 -16.89 -1.22 11.75
N LEU A 115 -16.52 -2.50 11.73
CA LEU A 115 -17.26 -3.54 12.45
C LEU A 115 -17.20 -3.36 13.96
N ILE A 116 -16.04 -2.89 14.50
CA ILE A 116 -15.87 -2.65 15.94
C ILE A 116 -16.80 -1.52 16.37
N SER A 117 -16.81 -0.41 15.61
CA SER A 117 -17.66 0.75 15.91
C SER A 117 -19.15 0.41 15.92
N ILE A 118 -19.56 -0.48 14.95
CA ILE A 118 -20.95 -0.94 14.83
C ILE A 118 -21.34 -1.73 16.11
N ILE A 119 -20.50 -2.74 16.47
CA ILE A 119 -20.69 -3.58 17.65
C ILE A 119 -20.70 -2.72 18.92
N THR A 120 -19.80 -1.69 19.03
CA THR A 120 -19.75 -0.75 20.17
C THR A 120 -21.04 0.05 20.30
N SER A 121 -21.55 0.61 19.18
CA SER A 121 -22.78 1.39 19.19
C SER A 121 -23.99 0.50 19.57
N PHE A 122 -24.15 -0.66 18.87
CA PHE A 122 -25.20 -1.64 19.11
C PHE A 122 -25.16 -2.17 20.56
N ALA A 123 -23.95 -2.42 21.13
CA ALA A 123 -23.80 -2.87 22.52
C ALA A 123 -24.39 -1.85 23.50
N GLY A 124 -24.21 -0.58 23.17
CA GLY A 124 -24.77 0.53 23.93
C GLY A 124 -26.28 0.53 23.82
N LYS A 125 -26.81 0.34 22.60
CA LYS A 125 -28.25 0.28 22.35
C LYS A 125 -28.91 -0.93 23.07
N ILE A 126 -28.22 -2.09 23.09
CA ILE A 126 -28.70 -3.34 23.69
C ILE A 126 -28.58 -3.35 25.22
N TYR A 127 -27.38 -3.01 25.75
CA TYR A 127 -27.07 -3.08 27.19
C TYR A 127 -27.01 -1.73 27.94
N GLY A 128 -26.59 -0.68 27.27
CA GLY A 128 -26.46 0.65 27.86
C GLY A 128 -25.18 1.34 27.40
N MET A 129 -25.29 2.60 26.92
CA MET A 129 -24.17 3.42 26.40
C MET A 129 -22.97 3.55 27.37
N ARG A 130 -23.21 3.32 28.68
CA ARG A 130 -22.17 3.34 29.71
C ARG A 130 -22.38 2.15 30.68
N SER A 131 -22.75 0.97 30.11
CA SER A 131 -23.01 -0.27 30.87
C SER A 131 -21.82 -1.22 30.93
N HIS A 132 -21.83 -2.13 31.93
CA HIS A 132 -20.77 -3.14 32.15
C HIS A 132 -20.79 -4.24 31.08
N LYS A 133 -22.00 -4.77 30.76
CA LYS A 133 -22.19 -5.81 29.74
C LYS A 133 -21.77 -5.35 28.32
N LYS A 134 -21.87 -4.02 28.02
CA LYS A 134 -21.44 -3.42 26.75
C LYS A 134 -19.95 -3.60 26.60
N THR A 135 -19.18 -3.32 27.69
CA THR A 135 -17.73 -3.46 27.76
C THR A 135 -17.32 -4.93 27.56
N VAL A 136 -18.11 -5.86 28.15
CA VAL A 136 -17.92 -7.31 28.08
C VAL A 136 -17.92 -7.80 26.61
N LEU A 137 -18.96 -7.41 25.84
CA LEU A 137 -19.10 -7.80 24.43
C LEU A 137 -18.03 -7.18 23.54
N VAL A 138 -17.73 -5.89 23.72
CA VAL A 138 -16.75 -5.18 22.88
C VAL A 138 -15.32 -5.65 23.15
N GLN A 139 -14.98 -6.01 24.42
CA GLN A 139 -13.64 -6.52 24.77
C GLN A 139 -13.48 -7.94 24.24
N GLY A 140 -14.58 -8.70 24.25
CA GLY A 140 -14.63 -10.08 23.78
C GLY A 140 -14.50 -10.20 22.27
N VAL A 141 -15.26 -9.37 21.53
CA VAL A 141 -15.25 -9.32 20.06
C VAL A 141 -13.86 -8.91 19.53
N LYS A 142 -13.22 -7.92 20.18
CA LYS A 142 -11.88 -7.44 19.86
C LYS A 142 -10.85 -8.57 20.04
N LYS A 143 -11.01 -9.38 21.10
CA LYS A 143 -10.17 -10.54 21.40
C LYS A 143 -10.43 -11.68 20.41
N LEU A 144 -11.70 -11.88 20.00
CA LEU A 144 -12.13 -12.91 19.05
C LEU A 144 -11.58 -12.63 17.62
N ILE A 145 -11.44 -11.33 17.27
CA ILE A 145 -10.93 -10.90 15.97
C ILE A 145 -9.45 -11.26 15.82
N GLY A 146 -8.62 -10.96 16.82
CA GLY A 146 -7.20 -11.30 16.83
C GLY A 146 -6.94 -12.68 16.26
N GLU A 147 -7.57 -13.70 16.89
CA GLU A 147 -7.61 -15.12 16.49
C GLU A 147 -8.23 -15.27 15.06
N ILE B 1 -52.47 19.27 6.15
CA ILE B 1 -51.11 18.78 5.93
C ILE B 1 -51.12 17.29 5.57
N ARG B 2 -51.29 16.98 4.24
CA ARG B 2 -51.32 15.64 3.64
C ARG B 2 -50.19 14.75 4.23
N ALA B 3 -50.55 13.59 4.83
CA ALA B 3 -49.61 12.70 5.52
C ALA B 3 -49.62 11.26 5.03
N VAL B 4 -48.44 10.60 5.07
CA VAL B 4 -48.24 9.20 4.67
C VAL B 4 -47.68 8.43 5.84
N ILE B 5 -48.35 7.34 6.21
CA ILE B 5 -47.93 6.56 7.36
C ILE B 5 -46.96 5.45 6.95
N TYR B 6 -45.75 5.44 7.55
CA TYR B 6 -44.82 4.34 7.36
C TYR B 6 -44.69 3.51 8.66
N ALA B 7 -45.02 2.23 8.58
CA ALA B 7 -44.95 1.30 9.71
C ALA B 7 -44.13 0.11 9.31
N ARG B 8 -43.35 -0.45 10.25
CA ARG B 8 -42.51 -1.61 9.97
C ARG B 8 -42.26 -2.46 11.20
N VAL B 9 -42.26 -3.80 10.98
CA VAL B 9 -41.98 -4.85 11.96
C VAL B 9 -40.98 -5.80 11.28
N SER B 10 -40.03 -6.35 12.04
CA SER B 10 -39.02 -7.25 11.48
C SER B 10 -39.51 -8.65 11.16
N SER B 11 -40.31 -9.25 12.08
CA SER B 11 -40.82 -10.62 12.00
C SER B 11 -42.29 -10.75 11.64
N SER B 12 -42.68 -11.95 11.11
CA SER B 12 -44.05 -12.30 10.74
C SER B 12 -44.93 -12.43 11.99
N ASP B 13 -44.34 -12.90 13.11
CA ASP B 13 -44.97 -13.08 14.42
C ASP B 13 -45.47 -11.74 15.00
N GLN B 14 -44.73 -10.65 14.69
CA GLN B 14 -45.02 -9.28 15.14
C GLN B 14 -46.13 -8.56 14.31
N LYS B 15 -46.84 -9.29 13.42
CA LYS B 15 -47.92 -8.78 12.56
C LYS B 15 -48.99 -7.95 13.31
N GLU B 16 -49.29 -8.35 14.58
CA GLU B 16 -50.25 -7.69 15.47
C GLU B 16 -49.73 -6.33 15.99
N ASP B 17 -48.42 -6.24 16.27
CA ASP B 17 -47.78 -5.00 16.74
C ASP B 17 -47.68 -3.94 15.61
N LEU B 18 -47.65 -4.36 14.32
CA LEU B 18 -47.60 -3.46 13.16
C LEU B 18 -48.95 -2.79 13.00
N GLU B 19 -50.07 -3.53 13.16
CA GLU B 19 -51.40 -2.96 13.06
C GLU B 19 -51.64 -1.93 14.18
N ARG B 20 -51.06 -2.15 15.39
CA ARG B 20 -51.16 -1.22 16.54
C ARG B 20 -50.38 0.06 16.23
N GLN B 21 -49.20 -0.06 15.54
CA GLN B 21 -48.36 1.08 15.14
C GLN B 21 -49.14 1.97 14.15
N ILE B 22 -49.70 1.36 13.07
CA ILE B 22 -50.52 2.04 12.04
C ILE B 22 -51.62 2.80 12.74
N ASN B 23 -52.32 2.11 13.65
CA ASN B 23 -53.41 2.68 14.41
C ASN B 23 -52.95 3.84 15.28
N TYR B 24 -51.78 3.74 15.96
CA TYR B 24 -51.31 4.86 16.79
C TYR B 24 -51.18 6.12 15.93
N LEU B 25 -50.42 6.03 14.82
CA LEU B 25 -50.16 7.12 13.89
C LEU B 25 -51.44 7.60 13.17
N THR B 26 -52.39 6.68 12.83
CA THR B 26 -53.67 7.03 12.21
C THR B 26 -54.50 7.91 13.09
N ASN B 27 -54.58 7.61 14.39
CA ASN B 27 -55.33 8.42 15.34
C ASN B 27 -54.50 9.67 15.67
N TYR B 28 -53.15 9.54 15.74
CA TYR B 28 -52.20 10.63 15.99
C TYR B 28 -52.42 11.77 14.96
N ALA B 29 -52.42 11.41 13.66
CA ALA B 29 -52.64 12.30 12.52
C ALA B 29 -54.03 12.94 12.52
N THR B 30 -55.10 12.14 12.69
CA THR B 30 -56.46 12.66 12.66
C THR B 30 -56.81 13.50 13.90
N ALA B 31 -55.95 13.51 14.93
CA ALA B 31 -56.12 14.35 16.12
C ALA B 31 -55.33 15.63 15.88
N LYS B 32 -54.19 15.50 15.18
CA LYS B 32 -53.31 16.60 14.82
C LYS B 32 -53.94 17.51 13.76
N GLY B 33 -54.78 16.93 12.88
CA GLY B 33 -55.43 17.62 11.77
C GLY B 33 -54.81 17.31 10.42
N TYR B 34 -54.15 16.14 10.32
CA TYR B 34 -53.54 15.70 9.08
C TYR B 34 -54.51 14.77 8.37
N LYS B 35 -54.62 14.88 7.04
CA LYS B 35 -55.42 13.95 6.24
C LYS B 35 -54.44 12.83 5.85
N VAL B 36 -54.74 11.59 6.24
CA VAL B 36 -53.87 10.46 5.93
C VAL B 36 -54.11 10.07 4.47
N VAL B 37 -53.14 10.36 3.60
CA VAL B 37 -53.23 10.06 2.17
C VAL B 37 -53.11 8.55 1.93
N GLU B 38 -52.04 7.93 2.46
CA GLU B 38 -51.77 6.51 2.26
C GLU B 38 -51.12 5.94 3.48
N VAL B 39 -51.20 4.61 3.66
CA VAL B 39 -50.55 3.88 4.75
C VAL B 39 -49.70 2.78 4.13
N LEU B 40 -48.36 2.90 4.26
CA LEU B 40 -47.40 1.94 3.71
C LEU B 40 -46.72 1.17 4.84
N LYS B 41 -46.69 -0.16 4.72
CA LYS B 41 -46.13 -1.04 5.74
C LYS B 41 -45.14 -2.04 5.16
N ASP B 42 -44.37 -2.72 6.02
CA ASP B 42 -43.40 -3.74 5.64
C ASP B 42 -43.11 -4.69 6.81
N ILE B 43 -42.99 -6.00 6.51
CA ILE B 43 -42.61 -7.02 7.48
C ILE B 43 -41.17 -7.43 7.08
N ALA B 44 -40.20 -6.57 7.39
CA ALA B 44 -38.79 -6.76 7.05
C ALA B 44 -37.85 -5.96 7.95
N SER B 45 -36.55 -6.28 7.89
CA SER B 45 -35.51 -5.63 8.67
C SER B 45 -35.26 -4.20 8.20
N GLY B 46 -34.89 -3.33 9.15
CA GLY B 46 -34.51 -1.95 8.87
C GLY B 46 -33.29 -1.83 7.95
N LEU B 47 -32.48 -2.90 7.91
CA LEU B 47 -31.27 -3.06 7.12
C LEU B 47 -31.58 -3.18 5.63
N ASN B 48 -32.78 -3.71 5.26
CA ASN B 48 -33.13 -3.86 3.86
C ASN B 48 -33.57 -2.54 3.21
N THR B 49 -32.70 -1.98 2.37
CA THR B 49 -32.90 -0.73 1.64
C THR B 49 -33.86 -0.90 0.46
N GLN B 50 -34.26 -2.15 0.17
CA GLN B 50 -35.11 -2.46 -0.97
C GLN B 50 -36.50 -2.95 -0.58
N ARG B 51 -37.01 -2.49 0.57
CA ARG B 51 -38.34 -2.82 1.08
C ARG B 51 -39.38 -2.29 0.10
N LYS B 52 -40.33 -3.17 -0.32
CA LYS B 52 -41.40 -2.85 -1.28
C LYS B 52 -42.17 -1.60 -0.89
N GLY B 53 -42.52 -1.49 0.39
CA GLY B 53 -43.26 -0.38 1.00
C GLY B 53 -42.49 0.92 1.04
N LEU B 54 -41.18 0.83 1.41
CA LEU B 54 -40.24 1.95 1.46
C LEU B 54 -40.06 2.55 0.06
N LEU B 55 -39.88 1.67 -0.95
CA LEU B 55 -39.68 2.14 -2.33
C LEU B 55 -40.97 2.78 -2.92
N LYS B 56 -42.17 2.38 -2.41
CA LYS B 56 -43.46 2.96 -2.79
C LYS B 56 -43.57 4.34 -2.12
N LEU B 57 -43.01 4.47 -0.88
CA LEU B 57 -42.95 5.71 -0.10
C LEU B 57 -42.04 6.71 -0.81
N PHE B 58 -40.89 6.22 -1.31
CA PHE B 58 -39.94 7.07 -2.06
C PHE B 58 -40.62 7.66 -3.29
N LYS B 59 -41.36 6.85 -4.06
CA LYS B 59 -42.07 7.29 -5.25
C LYS B 59 -43.21 8.26 -4.92
N LEU B 60 -43.90 8.06 -3.78
CA LEU B 60 -45.00 8.91 -3.32
C LEU B 60 -44.47 10.30 -3.00
N VAL B 61 -43.37 10.33 -2.23
CA VAL B 61 -42.71 11.56 -1.82
C VAL B 61 -42.25 12.34 -3.04
N GLU B 62 -41.52 11.66 -3.96
CA GLU B 62 -41.00 12.19 -5.23
C GLU B 62 -42.11 12.78 -6.16
N GLY B 63 -43.31 12.21 -6.06
CA GLY B 63 -44.47 12.66 -6.83
C GLY B 63 -45.14 13.89 -6.25
N ARG B 64 -44.57 14.45 -5.15
CA ARG B 64 -45.00 15.66 -4.43
C ARG B 64 -46.51 15.63 -4.05
N SER B 65 -47.03 14.42 -3.84
CA SER B 65 -48.43 14.17 -3.46
C SER B 65 -48.63 14.46 -1.96
N VAL B 66 -47.73 13.92 -1.13
CA VAL B 66 -47.71 14.05 0.32
C VAL B 66 -46.84 15.24 0.82
N ASP B 67 -47.15 15.76 2.04
CA ASP B 67 -46.45 16.88 2.68
C ASP B 67 -45.63 16.48 3.94
N VAL B 68 -45.97 15.34 4.60
CA VAL B 68 -45.30 14.84 5.83
C VAL B 68 -45.34 13.28 5.89
N VAL B 69 -44.29 12.66 6.49
CA VAL B 69 -44.18 11.21 6.67
C VAL B 69 -44.22 10.94 8.17
N LEU B 70 -45.11 10.06 8.63
CA LEU B 70 -45.22 9.72 10.03
C LEU B 70 -44.69 8.33 10.31
N ILE B 71 -43.79 8.23 11.32
CA ILE B 71 -43.20 6.97 11.83
C ILE B 71 -43.24 7.03 13.37
N THR B 72 -43.27 5.86 14.07
CA THR B 72 -43.27 5.86 15.55
C THR B 72 -41.88 6.26 16.08
N TYR B 73 -40.82 5.58 15.59
CA TYR B 73 -39.40 5.83 15.93
C TYR B 73 -38.59 5.87 14.63
N LYS B 74 -37.43 6.55 14.62
CA LYS B 74 -36.52 6.63 13.44
C LYS B 74 -36.20 5.19 12.93
N ASP B 75 -35.86 4.25 13.89
CA ASP B 75 -35.59 2.80 13.73
C ASP B 75 -36.52 2.13 12.69
N ARG B 76 -37.81 2.55 12.66
CA ARG B 76 -38.85 2.05 11.78
C ARG B 76 -38.58 2.34 10.33
N LEU B 77 -38.14 3.57 10.00
CA LEU B 77 -37.84 3.97 8.62
C LEU B 77 -36.66 3.24 8.04
N THR B 78 -35.56 3.17 8.81
CA THR B 78 -34.31 2.50 8.40
C THR B 78 -33.35 2.32 9.59
N ARG B 79 -32.61 1.18 9.63
CA ARG B 79 -31.61 0.91 10.66
C ARG B 79 -30.43 1.86 10.50
N PHE B 80 -29.94 2.05 9.24
CA PHE B 80 -28.82 2.94 8.91
C PHE B 80 -29.18 3.90 7.78
N GLY B 81 -28.47 5.03 7.73
CA GLY B 81 -28.65 6.03 6.68
C GLY B 81 -29.94 6.81 6.69
N PHE B 82 -30.51 7.05 7.87
CA PHE B 82 -31.73 7.85 8.03
C PHE B 82 -31.51 9.21 7.38
N GLU B 83 -30.36 9.83 7.67
CA GLU B 83 -29.98 11.17 7.23
C GLU B 83 -30.06 11.35 5.71
N TYR B 84 -29.78 10.27 4.94
CA TYR B 84 -29.86 10.28 3.47
C TYR B 84 -31.33 10.31 3.05
N ILE B 85 -32.19 9.51 3.73
CA ILE B 85 -33.64 9.48 3.44
C ILE B 85 -34.23 10.85 3.77
N GLU B 86 -33.81 11.41 4.92
CA GLU B 86 -34.21 12.74 5.39
C GLU B 86 -33.88 13.78 4.33
N GLU B 87 -32.69 13.67 3.72
CA GLU B 87 -32.23 14.58 2.66
C GLU B 87 -33.04 14.42 1.35
N LEU B 88 -33.35 13.17 0.96
CA LEU B 88 -34.13 12.87 -0.25
C LEU B 88 -35.52 13.51 -0.15
N PHE B 89 -36.18 13.31 1.01
CA PHE B 89 -37.52 13.80 1.32
C PHE B 89 -37.54 15.31 1.38
N SER B 90 -36.61 15.93 2.13
CA SER B 90 -36.52 17.38 2.28
C SER B 90 -36.41 18.12 0.96
N THR B 91 -35.72 17.55 -0.04
CA THR B 91 -35.59 18.19 -1.36
C THR B 91 -36.97 18.25 -2.06
N MET B 92 -37.89 17.34 -1.68
CA MET B 92 -39.28 17.29 -2.18
C MET B 92 -40.20 18.09 -1.24
N GLY B 93 -39.61 18.73 -0.22
CA GLY B 93 -40.31 19.53 0.79
C GLY B 93 -41.21 18.71 1.70
N VAL B 94 -40.78 17.48 1.98
CA VAL B 94 -41.50 16.55 2.83
C VAL B 94 -40.70 16.43 4.13
N LYS B 95 -41.42 16.61 5.27
CA LYS B 95 -40.85 16.52 6.61
C LYS B 95 -41.12 15.13 7.19
N ILE B 96 -40.20 14.61 8.01
CA ILE B 96 -40.40 13.32 8.70
C ILE B 96 -40.78 13.66 10.15
N GLU B 97 -41.98 13.26 10.58
CA GLU B 97 -42.43 13.49 11.95
C GLU B 97 -42.25 12.19 12.77
N VAL B 98 -41.31 12.22 13.73
CA VAL B 98 -41.01 11.08 14.60
C VAL B 98 -41.78 11.27 15.94
N VAL B 99 -42.94 10.55 16.08
CA VAL B 99 -43.86 10.63 17.24
C VAL B 99 -43.14 10.43 18.57
N PHE B 100 -42.15 9.50 18.64
CA PHE B 100 -41.39 9.22 19.86
C PHE B 100 -39.88 9.47 19.68
N PRO B 104 -36.86 2.47 20.19
CA PRO B 104 -37.80 1.94 21.18
C PRO B 104 -37.12 1.17 22.28
N LYS B 105 -37.52 1.40 23.57
CA LYS B 105 -36.97 0.69 24.73
C LYS B 105 -37.39 -0.81 24.71
N ASP B 106 -38.46 -1.11 23.94
CA ASP B 106 -39.04 -2.43 23.70
C ASP B 106 -38.07 -3.40 23.01
N ALA B 107 -37.69 -3.09 21.73
CA ALA B 107 -36.84 -3.90 20.87
C ALA B 107 -35.38 -3.95 21.29
N THR B 108 -34.96 -5.16 21.61
CA THR B 108 -33.63 -5.60 22.00
C THR B 108 -33.37 -6.82 21.13
N GLN B 109 -34.41 -7.70 20.95
CA GLN B 109 -34.36 -8.87 20.08
C GLN B 109 -34.12 -8.40 18.63
N GLU B 110 -34.68 -7.22 18.23
CA GLU B 110 -34.47 -6.65 16.89
C GLU B 110 -33.03 -6.14 16.72
N LEU B 111 -32.50 -5.49 17.77
CA LEU B 111 -31.14 -4.98 17.78
C LEU B 111 -30.12 -6.14 17.77
N VAL B 112 -30.40 -7.22 18.53
CA VAL B 112 -29.47 -8.34 18.54
C VAL B 112 -29.53 -9.07 17.20
N GLU B 113 -30.74 -9.25 16.65
CA GLU B 113 -30.88 -9.98 15.39
C GLU B 113 -30.21 -9.23 14.25
N ASP B 114 -30.38 -7.88 14.22
CA ASP B 114 -29.77 -7.01 13.21
C ASP B 114 -28.26 -6.99 13.36
N LEU B 115 -27.73 -7.08 14.61
CA LEU B 115 -26.29 -7.09 14.88
C LEU B 115 -25.63 -8.31 14.25
N ILE B 116 -26.22 -9.50 14.46
CA ILE B 116 -25.74 -10.75 13.89
C ILE B 116 -25.63 -10.64 12.38
N SER B 117 -26.76 -10.38 11.67
CA SER B 117 -26.80 -10.27 10.22
C SER B 117 -25.74 -9.33 9.64
N ILE B 118 -25.36 -8.27 10.40
CA ILE B 118 -24.30 -7.32 10.02
C ILE B 118 -22.94 -8.06 10.17
N ILE B 119 -22.72 -8.68 11.35
CA ILE B 119 -21.50 -9.43 11.69
C ILE B 119 -21.26 -10.55 10.68
N THR B 120 -22.33 -11.30 10.30
CA THR B 120 -22.26 -12.38 9.32
C THR B 120 -21.82 -11.87 7.95
N SER B 121 -22.42 -10.75 7.45
CA SER B 121 -22.06 -10.17 6.15
C SER B 121 -20.61 -9.67 6.14
N PHE B 122 -20.25 -8.83 7.16
CA PHE B 122 -18.90 -8.28 7.35
C PHE B 122 -17.87 -9.39 7.52
N ALA B 123 -18.20 -10.48 8.28
CA ALA B 123 -17.31 -11.65 8.46
C ALA B 123 -16.95 -12.29 7.12
N GLY B 124 -17.94 -12.32 6.23
CA GLY B 124 -17.77 -12.82 4.87
C GLY B 124 -16.85 -11.91 4.08
N LYS B 125 -17.06 -10.59 4.19
CA LYS B 125 -16.23 -9.59 3.51
C LYS B 125 -14.77 -9.63 4.01
N ILE B 126 -14.58 -9.82 5.34
CA ILE B 126 -13.27 -9.85 6.00
C ILE B 126 -12.53 -11.18 5.79
N TYR B 127 -13.20 -12.33 6.04
CA TYR B 127 -12.59 -13.67 6.00
C TYR B 127 -12.96 -14.55 4.78
N GLY B 128 -14.17 -14.39 4.25
CA GLY B 128 -14.68 -15.16 3.11
C GLY B 128 -16.13 -15.59 3.34
N MET B 129 -17.03 -15.32 2.36
CA MET B 129 -18.48 -15.64 2.43
C MET B 129 -18.79 -17.12 2.70
N ARG B 130 -17.79 -18.02 2.48
CA ARG B 130 -17.88 -19.46 2.73
C ARG B 130 -16.60 -19.97 3.45
N SER B 131 -16.01 -19.11 4.34
CA SER B 131 -14.77 -19.41 5.08
C SER B 131 -15.00 -19.96 6.48
N HIS B 132 -13.97 -20.62 7.05
CA HIS B 132 -13.99 -21.21 8.39
C HIS B 132 -13.94 -20.14 9.49
N LYS B 133 -13.05 -19.12 9.33
CA LYS B 133 -12.89 -18.02 10.29
C LYS B 133 -14.17 -17.17 10.43
N LYS B 134 -15.00 -17.07 9.35
CA LYS B 134 -16.28 -16.36 9.33
C LYS B 134 -17.23 -17.03 10.32
N THR B 135 -17.30 -18.37 10.26
CA THR B 135 -18.13 -19.21 11.14
C THR B 135 -17.68 -19.07 12.59
N VAL B 136 -16.35 -19.00 12.82
CA VAL B 136 -15.70 -18.83 14.13
C VAL B 136 -16.21 -17.58 14.84
N LEU B 137 -16.16 -16.42 14.16
CA LEU B 137 -16.60 -15.13 14.70
C LEU B 137 -18.09 -15.10 14.97
N VAL B 138 -18.92 -15.58 14.02
CA VAL B 138 -20.38 -15.54 14.14
C VAL B 138 -20.90 -16.51 15.23
N GLN B 139 -20.24 -17.67 15.40
CA GLN B 139 -20.64 -18.64 16.43
C GLN B 139 -20.23 -18.11 17.81
N GLY B 140 -19.10 -17.41 17.86
CA GLY B 140 -18.55 -16.82 19.07
C GLY B 140 -19.35 -15.65 19.59
N VAL B 141 -19.73 -14.71 18.69
CA VAL B 141 -20.51 -13.53 18.98
C VAL B 141 -21.90 -13.92 19.51
N LYS B 142 -22.52 -14.95 18.88
CA LYS B 142 -23.83 -15.50 19.25
C LYS B 142 -23.77 -16.06 20.67
N LYS B 143 -22.65 -16.74 21.02
CA LYS B 143 -22.40 -17.32 22.34
C LYS B 143 -22.11 -16.23 23.37
N LEU B 144 -21.40 -15.16 22.96
CA LEU B 144 -21.04 -14.02 23.81
C LEU B 144 -22.25 -13.20 24.26
N ILE B 145 -23.28 -13.06 23.41
CA ILE B 145 -24.50 -12.31 23.74
C ILE B 145 -25.35 -13.09 24.78
N GLY B 146 -25.21 -14.42 24.78
CA GLY B 146 -25.90 -15.34 25.70
C GLY B 146 -25.58 -15.08 27.15
N GLU B 147 -24.25 -15.11 27.47
CA GLU B 147 -23.62 -14.79 28.76
C GLU B 147 -24.40 -15.31 29.98
N ILE C 1 7.36 -8.51 -23.72
CA ILE C 1 6.08 -9.17 -23.45
C ILE C 1 6.10 -10.08 -22.21
N ARG C 2 7.23 -10.69 -21.85
CA ARG C 2 7.31 -11.51 -20.63
C ARG C 2 8.08 -10.70 -19.55
N ALA C 3 7.46 -10.45 -18.38
CA ALA C 3 8.04 -9.64 -17.30
C ALA C 3 8.09 -10.33 -15.93
N VAL C 4 9.12 -9.99 -15.12
CA VAL C 4 9.34 -10.51 -13.77
C VAL C 4 9.37 -9.34 -12.77
N ILE C 5 8.55 -9.41 -11.74
CA ILE C 5 8.45 -8.32 -10.77
C ILE C 5 9.39 -8.52 -9.61
N TYR C 6 10.31 -7.57 -9.39
CA TYR C 6 11.18 -7.60 -8.21
C TYR C 6 10.78 -6.47 -7.22
N ALA C 7 10.45 -6.86 -6.00
CA ALA C 7 10.03 -5.94 -4.94
C ALA C 7 10.88 -6.24 -3.71
N ARG C 8 11.28 -5.19 -2.98
CA ARG C 8 12.09 -5.35 -1.77
C ARG C 8 11.82 -4.27 -0.74
N VAL C 9 11.78 -4.69 0.53
CA VAL C 9 11.62 -3.86 1.72
C VAL C 9 12.71 -4.29 2.71
N SER C 10 13.28 -3.34 3.46
CA SER C 10 14.35 -3.65 4.40
C SER C 10 13.89 -4.35 5.68
N SER C 11 12.77 -3.88 6.27
CA SER C 11 12.21 -4.36 7.54
C SER C 11 10.94 -5.21 7.43
N SER C 12 10.66 -6.02 8.49
CA SER C 12 9.47 -6.87 8.60
C SER C 12 8.20 -6.02 8.79
N ASP C 13 8.35 -4.86 9.44
CA ASP C 13 7.28 -3.89 9.69
C ASP C 13 6.73 -3.27 8.39
N GLN C 14 7.61 -3.16 7.38
CA GLN C 14 7.30 -2.63 6.05
C GLN C 14 6.63 -3.66 5.09
N LYS C 15 6.18 -4.82 5.63
CA LYS C 15 5.50 -5.89 4.89
C LYS C 15 4.32 -5.41 4.02
N GLU C 16 3.60 -4.36 4.48
CA GLU C 16 2.45 -3.73 3.79
C GLU C 16 2.90 -2.92 2.56
N ASP C 17 4.07 -2.26 2.66
CA ASP C 17 4.65 -1.46 1.56
C ASP C 17 5.18 -2.35 0.42
N LEU C 18 5.56 -3.63 0.72
CA LEU C 18 6.03 -4.59 -0.28
C LEU C 18 4.85 -5.06 -1.15
N GLU C 19 3.70 -5.33 -0.53
CA GLU C 19 2.49 -5.75 -1.26
C GLU C 19 1.99 -4.60 -2.16
N ARG C 20 2.13 -3.35 -1.67
CA ARG C 20 1.83 -2.14 -2.42
C ARG C 20 2.77 -2.10 -3.65
N GLN C 21 4.12 -2.21 -3.45
CA GLN C 21 5.13 -2.22 -4.53
C GLN C 21 4.77 -3.18 -5.68
N ILE C 22 4.33 -4.42 -5.34
CA ILE C 22 3.93 -5.47 -6.28
C ILE C 22 2.72 -5.02 -7.12
N ASN C 23 1.75 -4.33 -6.48
CA ASN C 23 0.54 -3.79 -7.13
C ASN C 23 0.88 -2.76 -8.19
N TYR C 24 1.66 -1.73 -7.81
CA TYR C 24 2.09 -0.62 -8.67
C TYR C 24 2.72 -1.10 -9.96
N LEU C 25 3.59 -2.12 -9.84
CA LEU C 25 4.28 -2.74 -10.96
C LEU C 25 3.35 -3.65 -11.77
N THR C 26 2.43 -4.42 -11.09
CA THR C 26 1.48 -5.27 -11.80
C THR C 26 0.57 -4.42 -12.69
N ASN C 27 0.32 -3.15 -12.27
CA ASN C 27 -0.48 -2.16 -12.99
C ASN C 27 0.26 -1.69 -14.21
N TYR C 28 1.50 -1.17 -14.02
CA TYR C 28 2.41 -0.73 -15.09
C TYR C 28 2.58 -1.82 -16.16
N ALA C 29 2.61 -3.11 -15.73
CA ALA C 29 2.75 -4.26 -16.61
C ALA C 29 1.56 -4.42 -17.54
N THR C 30 0.33 -4.35 -17.01
CA THR C 30 -0.88 -4.50 -17.85
C THR C 30 -1.03 -3.31 -18.80
N ALA C 31 -0.51 -2.12 -18.39
CA ALA C 31 -0.56 -0.89 -19.14
C ALA C 31 0.32 -1.02 -20.37
N LYS C 32 1.48 -1.70 -20.21
CA LYS C 32 2.48 -1.91 -21.25
C LYS C 32 2.26 -3.20 -22.06
N GLY C 33 1.18 -3.92 -21.74
CA GLY C 33 0.84 -5.17 -22.40
C GLY C 33 1.79 -6.32 -22.10
N TYR C 34 2.45 -6.27 -20.94
CA TYR C 34 3.39 -7.28 -20.47
C TYR C 34 2.63 -8.32 -19.64
N LYS C 35 2.97 -9.61 -19.87
CA LYS C 35 2.44 -10.73 -19.10
C LYS C 35 3.41 -10.91 -17.94
N VAL C 36 2.91 -10.81 -16.72
CA VAL C 36 3.77 -10.97 -15.54
C VAL C 36 3.99 -12.47 -15.35
N VAL C 37 5.20 -12.96 -15.65
CA VAL C 37 5.58 -14.35 -15.56
C VAL C 37 5.69 -14.79 -14.09
N GLU C 38 6.46 -14.05 -13.28
CA GLU C 38 6.69 -14.36 -11.86
C GLU C 38 6.80 -13.08 -11.06
N VAL C 39 6.56 -13.16 -9.74
CA VAL C 39 6.72 -12.05 -8.82
C VAL C 39 7.68 -12.51 -7.69
N LEU C 40 8.88 -11.90 -7.62
CA LEU C 40 9.89 -12.22 -6.61
C LEU C 40 10.06 -11.08 -5.63
N LYS C 41 10.07 -11.39 -4.34
CA LYS C 41 10.19 -10.40 -3.29
C LYS C 41 11.27 -10.77 -2.27
N ASP C 42 11.67 -9.81 -1.40
CA ASP C 42 12.65 -10.00 -0.32
C ASP C 42 12.44 -8.98 0.79
N ILE C 43 12.57 -9.43 2.05
CA ILE C 43 12.50 -8.56 3.23
C ILE C 43 13.95 -8.51 3.77
N ALA C 44 14.81 -7.73 3.08
CA ALA C 44 16.22 -7.60 3.43
C ALA C 44 16.82 -6.30 2.88
N SER C 45 18.04 -5.95 3.36
CA SER C 45 18.78 -4.75 2.95
C SER C 45 19.30 -4.89 1.51
N GLY C 46 19.38 -3.76 0.79
CA GLY C 46 19.91 -3.67 -0.57
C GLY C 46 21.37 -4.10 -0.66
N LEU C 47 22.08 -4.07 0.48
CA LEU C 47 23.47 -4.47 0.66
C LEU C 47 23.66 -5.98 0.53
N ASN C 48 22.61 -6.78 0.76
CA ASN C 48 22.67 -8.25 0.67
C ASN C 48 22.67 -8.69 -0.81
N THR C 49 23.73 -9.40 -1.24
CA THR C 49 23.89 -9.90 -2.62
C THR C 49 23.36 -11.32 -2.72
N GLN C 50 23.42 -12.08 -1.59
CA GLN C 50 22.99 -13.47 -1.50
C GLN C 50 21.50 -13.62 -1.15
N ARG C 51 20.68 -12.60 -1.53
CA ARG C 51 19.25 -12.60 -1.28
C ARG C 51 18.58 -13.71 -2.04
N LYS C 52 17.70 -14.44 -1.34
CA LYS C 52 16.96 -15.60 -1.87
C LYS C 52 16.17 -15.27 -3.13
N GLY C 53 15.45 -14.13 -3.11
CA GLY C 53 14.67 -13.64 -4.24
C GLY C 53 15.51 -13.14 -5.39
N LEU C 54 16.58 -12.33 -5.08
CA LEU C 54 17.53 -11.78 -6.06
C LEU C 54 18.17 -12.88 -6.85
N LEU C 55 18.53 -13.98 -6.17
CA LEU C 55 19.17 -15.14 -6.79
C LEU C 55 18.23 -15.93 -7.66
N LYS C 56 16.96 -16.01 -7.23
CA LYS C 56 15.94 -16.71 -8.02
C LYS C 56 15.73 -15.89 -9.30
N LEU C 57 15.81 -14.54 -9.19
CA LEU C 57 15.70 -13.59 -10.30
C LEU C 57 16.86 -13.77 -11.28
N PHE C 58 18.08 -13.90 -10.73
CA PHE C 58 19.29 -14.11 -11.53
C PHE C 58 19.14 -15.38 -12.36
N LYS C 59 18.69 -16.48 -11.71
CA LYS C 59 18.50 -17.78 -12.37
C LYS C 59 17.39 -17.74 -13.41
N LEU C 60 16.33 -16.95 -13.17
CA LEU C 60 15.20 -16.80 -14.09
C LEU C 60 15.67 -16.11 -15.37
N VAL C 61 16.41 -14.99 -15.22
CA VAL C 61 16.99 -14.19 -16.29
C VAL C 61 17.93 -15.06 -17.12
N GLU C 62 18.86 -15.79 -16.46
CA GLU C 62 19.83 -16.72 -17.08
C GLU C 62 19.18 -17.87 -17.85
N GLY C 63 17.98 -18.28 -17.43
CA GLY C 63 17.19 -19.33 -18.06
C GLY C 63 16.44 -18.87 -19.30
N ARG C 64 16.64 -17.58 -19.66
CA ARG C 64 16.07 -16.86 -20.82
C ARG C 64 14.53 -17.00 -20.94
N SER C 65 13.88 -17.18 -19.79
CA SER C 65 12.43 -17.33 -19.65
C SER C 65 11.73 -15.95 -19.80
N VAL C 66 12.23 -14.96 -19.06
CA VAL C 66 11.74 -13.59 -18.99
C VAL C 66 12.47 -12.65 -20.00
N ASP C 67 11.79 -11.54 -20.39
CA ASP C 67 12.29 -10.54 -21.34
C ASP C 67 12.58 -9.16 -20.70
N VAL C 68 11.95 -8.84 -19.54
CA VAL C 68 12.09 -7.56 -18.81
C VAL C 68 11.91 -7.74 -17.28
N VAL C 69 12.62 -6.92 -16.45
CA VAL C 69 12.55 -6.92 -14.98
C VAL C 69 11.95 -5.60 -14.56
N LEU C 70 10.91 -5.64 -13.75
CA LEU C 70 10.26 -4.42 -13.26
C LEU C 70 10.55 -4.18 -11.79
N ILE C 71 11.04 -2.97 -11.46
CA ILE C 71 11.32 -2.49 -10.09
C ILE C 71 10.75 -1.08 -9.94
N THR C 72 10.38 -0.65 -8.70
CA THR C 72 9.82 0.69 -8.51
C THR C 72 10.90 1.75 -8.62
N TYR C 73 12.01 1.55 -7.88
CA TYR C 73 13.20 2.42 -7.82
C TYR C 73 14.46 1.53 -7.98
N LYS C 74 15.57 2.07 -8.51
CA LYS C 74 16.82 1.34 -8.68
C LYS C 74 17.24 0.74 -7.33
N ASP C 75 17.07 1.59 -6.30
CA ASP C 75 17.27 1.40 -4.86
C ASP C 75 16.86 -0.04 -4.39
N ARG C 76 15.69 -0.53 -4.86
CA ARG C 76 15.08 -1.83 -4.58
C ARG C 76 15.92 -3.01 -5.05
N LEU C 77 16.49 -2.94 -6.29
CA LEU C 77 17.27 -4.03 -6.84
C LEU C 77 18.54 -4.27 -6.07
N THR C 78 19.28 -3.20 -5.73
CA THR C 78 20.53 -3.26 -4.97
C THR C 78 20.98 -1.87 -4.51
N ARG C 79 21.62 -1.79 -3.33
CA ARG C 79 22.19 -0.55 -2.77
C ARG C 79 23.38 -0.11 -3.63
N PHE C 80 24.30 -1.05 -3.96
CA PHE C 80 25.49 -0.78 -4.79
C PHE C 80 25.61 -1.79 -5.94
N GLY C 81 26.38 -1.42 -6.97
CA GLY C 81 26.65 -2.27 -8.13
C GLY C 81 25.48 -2.60 -9.04
N PHE C 82 24.52 -1.65 -9.21
CA PHE C 82 23.37 -1.80 -10.10
C PHE C 82 23.86 -2.07 -11.53
N GLU C 83 24.93 -1.37 -11.94
CA GLU C 83 25.52 -1.43 -13.27
C GLU C 83 26.00 -2.83 -13.66
N TYR C 84 26.46 -3.62 -12.65
CA TYR C 84 26.92 -5.01 -12.85
C TYR C 84 25.72 -5.90 -13.11
N ILE C 85 24.64 -5.71 -12.33
CA ILE C 85 23.40 -6.49 -12.49
C ILE C 85 22.82 -6.18 -13.86
N GLU C 86 22.81 -4.88 -14.24
CA GLU C 86 22.33 -4.36 -15.52
C GLU C 86 23.08 -5.06 -16.66
N GLU C 87 24.39 -5.24 -16.50
CA GLU C 87 25.24 -5.91 -17.48
C GLU C 87 24.97 -7.42 -17.57
N LEU C 88 24.75 -8.08 -16.41
CA LEU C 88 24.46 -9.52 -16.36
C LEU C 88 23.17 -9.83 -17.12
N PHE C 89 22.13 -9.01 -16.86
CA PHE C 89 20.82 -9.13 -17.46
C PHE C 89 20.86 -8.86 -18.95
N SER C 90 21.49 -7.76 -19.38
CA SER C 90 21.61 -7.38 -20.79
C SER C 90 22.24 -8.45 -21.66
N THR C 91 23.20 -9.22 -21.13
CA THR C 91 23.85 -10.29 -21.90
C THR C 91 22.84 -11.41 -22.19
N MET C 92 21.79 -11.52 -21.35
CA MET C 92 20.69 -12.48 -21.53
C MET C 92 19.54 -11.83 -22.32
N GLY C 93 19.76 -10.59 -22.77
CA GLY C 93 18.78 -9.79 -23.52
C GLY C 93 17.58 -9.36 -22.69
N VAL C 94 17.81 -9.15 -21.39
CA VAL C 94 16.78 -8.74 -20.43
C VAL C 94 17.05 -7.27 -20.06
N LYS C 95 16.02 -6.42 -20.15
CA LYS C 95 16.09 -5.00 -19.79
C LYS C 95 15.51 -4.77 -18.40
N ILE C 96 16.01 -3.75 -17.68
CA ILE C 96 15.47 -3.38 -16.36
C ILE C 96 14.63 -2.11 -16.57
N GLU C 97 13.33 -2.20 -16.26
CA GLU C 97 12.43 -1.06 -16.39
C GLU C 97 12.16 -0.45 -15.00
N VAL C 98 12.67 0.78 -14.78
CA VAL C 98 12.52 1.49 -13.50
C VAL C 98 11.36 2.49 -13.56
N VAL C 99 10.19 2.12 -13.00
CA VAL C 99 8.92 2.88 -13.00
C VAL C 99 9.06 4.31 -12.34
N LYS C 105 14.22 6.25 -3.75
CA LYS C 105 12.91 6.13 -3.08
C LYS C 105 12.46 7.47 -2.40
N ASP C 106 11.32 7.44 -1.63
CA ASP C 106 10.72 8.60 -0.94
C ASP C 106 11.24 8.85 0.51
N ALA C 107 11.32 7.79 1.36
CA ALA C 107 11.82 7.86 2.76
C ALA C 107 13.36 7.76 2.86
N THR C 108 13.97 8.42 3.87
CA THR C 108 15.41 8.49 4.11
C THR C 108 15.95 7.47 5.15
N GLN C 109 15.08 6.95 6.03
CA GLN C 109 15.35 5.99 7.12
C GLN C 109 16.12 4.72 6.68
N GLU C 110 15.92 4.28 5.42
CA GLU C 110 16.60 3.13 4.86
C GLU C 110 18.05 3.47 4.53
N LEU C 111 18.29 4.71 4.05
CA LEU C 111 19.62 5.20 3.71
C LEU C 111 20.52 5.31 4.94
N VAL C 112 19.95 5.78 6.07
CA VAL C 112 20.72 5.92 7.32
C VAL C 112 20.99 4.56 7.97
N GLU C 113 20.03 3.59 7.84
CA GLU C 113 20.19 2.23 8.38
C GLU C 113 21.29 1.48 7.61
N ASP C 114 21.28 1.61 6.27
CA ASP C 114 22.29 1.05 5.37
C ASP C 114 23.67 1.65 5.68
N LEU C 115 23.72 2.99 5.87
CA LEU C 115 24.97 3.71 6.14
C LEU C 115 25.65 3.28 7.45
N ILE C 116 24.86 2.95 8.48
CA ILE C 116 25.40 2.46 9.76
C ILE C 116 26.05 1.08 9.53
N SER C 117 25.36 0.17 8.79
CA SER C 117 25.79 -1.19 8.42
C SER C 117 27.09 -1.21 7.60
N ILE C 118 27.36 -0.13 6.84
CA ILE C 118 28.57 0.05 6.03
C ILE C 118 29.72 0.53 6.96
N ILE C 119 29.46 1.58 7.77
CA ILE C 119 30.44 2.16 8.71
C ILE C 119 30.87 1.09 9.73
N THR C 120 29.94 0.23 10.22
CA THR C 120 30.24 -0.88 11.16
C THR C 120 31.20 -1.91 10.54
N SER C 121 30.92 -2.34 9.28
CA SER C 121 31.76 -3.32 8.57
C SER C 121 33.17 -2.74 8.30
N PHE C 122 33.21 -1.51 7.71
CA PHE C 122 34.44 -0.77 7.41
C PHE C 122 35.27 -0.52 8.66
N ALA C 123 34.62 -0.16 9.81
CA ALA C 123 35.30 0.06 11.09
C ALA C 123 36.04 -1.21 11.53
N GLY C 124 35.41 -2.37 11.29
CA GLY C 124 36.00 -3.68 11.57
C GLY C 124 37.20 -3.92 10.68
N LYS C 125 37.08 -3.60 9.38
CA LYS C 125 38.16 -3.75 8.41
C LYS C 125 39.35 -2.82 8.73
N ILE C 126 39.07 -1.57 9.16
CA ILE C 126 40.07 -0.55 9.50
C ILE C 126 40.74 -0.79 10.87
N TYR C 127 39.93 -0.99 11.93
CA TYR C 127 40.42 -1.11 13.31
C TYR C 127 40.43 -2.54 13.91
N GLY C 128 39.48 -3.38 13.50
CA GLY C 128 39.35 -4.74 14.00
C GLY C 128 37.90 -5.11 14.26
N MET C 129 37.46 -6.26 13.73
CA MET C 129 36.08 -6.79 13.84
C MET C 129 35.57 -6.92 15.30
N ARG C 130 36.50 -6.95 16.28
CA ARG C 130 36.21 -7.02 17.72
C ARG C 130 37.12 -6.03 18.49
N SER C 131 37.42 -4.86 17.88
CA SER C 131 38.27 -3.81 18.46
C SER C 131 37.50 -2.70 19.19
N HIS C 132 38.21 -1.98 20.09
CA HIS C 132 37.67 -0.88 20.89
C HIS C 132 37.42 0.37 20.03
N LYS C 133 38.38 0.72 19.14
CA LYS C 133 38.29 1.87 18.23
C LYS C 133 37.11 1.77 17.24
N LYS C 134 36.73 0.52 16.85
CA LYS C 134 35.60 0.23 15.96
C LYS C 134 34.30 0.68 16.64
N THR C 135 34.15 0.34 17.93
CA THR C 135 33.00 0.70 18.77
C THR C 135 32.92 2.23 18.94
N VAL C 136 34.09 2.89 19.09
CA VAL C 136 34.25 4.34 19.23
C VAL C 136 33.63 5.08 18.05
N LEU C 137 34.02 4.69 16.81
CA LEU C 137 33.53 5.29 15.57
C LEU C 137 32.03 5.06 15.35
N VAL C 138 31.55 3.82 15.56
CA VAL C 138 30.14 3.48 15.33
C VAL C 138 29.20 4.13 16.37
N GLN C 139 29.65 4.29 17.64
CA GLN C 139 28.86 4.94 18.68
C GLN C 139 28.82 6.45 18.43
N GLY C 140 29.92 6.98 17.91
CA GLY C 140 30.08 8.39 17.58
C GLY C 140 29.25 8.83 16.39
N VAL C 141 29.30 8.04 15.29
CA VAL C 141 28.54 8.29 14.05
C VAL C 141 27.04 8.27 14.32
N LYS C 142 26.57 7.29 15.14
CA LYS C 142 25.18 7.14 15.55
C LYS C 142 24.70 8.39 16.31
N LYS C 143 25.58 8.94 17.18
CA LYS C 143 25.32 10.15 17.97
C LYS C 143 25.36 11.40 17.08
N LEU C 144 26.28 11.43 16.08
CA LEU C 144 26.46 12.53 15.13
C LEU C 144 25.25 12.75 14.21
N ILE C 145 24.57 11.66 13.80
CA ILE C 145 23.37 11.74 12.93
C ILE C 145 22.18 12.33 13.71
N GLY C 146 22.20 12.16 15.04
CA GLY C 146 21.19 12.68 15.96
C GLY C 146 20.97 14.18 15.84
N GLU C 147 22.08 14.94 15.61
CA GLU C 147 22.18 16.40 15.41
C GLU C 147 21.48 17.20 16.52
N ILE D 1 43.10 -22.80 -19.96
CA ILE D 1 44.44 -22.47 -20.47
C ILE D 1 44.63 -20.99 -20.80
N ARG D 2 43.53 -20.19 -21.03
CA ARG D 2 43.59 -18.76 -21.42
C ARG D 2 43.19 -17.87 -20.23
N ALA D 3 44.08 -16.95 -19.84
CA ALA D 3 43.87 -16.07 -18.67
C ALA D 3 44.00 -14.58 -18.97
N VAL D 4 43.25 -13.74 -18.25
CA VAL D 4 43.27 -12.27 -18.37
C VAL D 4 43.64 -11.66 -17.01
N ILE D 5 44.65 -10.79 -16.99
CA ILE D 5 45.07 -10.18 -15.73
C ILE D 5 44.34 -8.86 -15.48
N TYR D 6 43.65 -8.75 -14.34
CA TYR D 6 43.06 -7.48 -13.93
C TYR D 6 43.80 -6.92 -12.73
N ALA D 7 44.28 -5.69 -12.88
CA ALA D 7 45.03 -5.02 -11.84
C ALA D 7 44.51 -3.63 -11.62
N ARG D 8 44.50 -3.19 -10.36
CA ARG D 8 43.99 -1.87 -10.05
C ARG D 8 44.64 -1.27 -8.82
N VAL D 9 44.90 0.05 -8.88
CA VAL D 9 45.44 0.89 -7.82
C VAL D 9 44.55 2.14 -7.78
N SER D 10 44.30 2.68 -6.58
CA SER D 10 43.42 3.86 -6.43
C SER D 10 44.06 5.18 -6.85
N SER D 11 45.31 5.43 -6.44
CA SER D 11 46.03 6.68 -6.72
C SER D 11 47.06 6.51 -7.85
N SER D 12 47.72 7.63 -8.26
CA SER D 12 48.80 7.72 -9.25
C SER D 12 50.15 7.38 -8.62
N ASP D 13 50.30 7.71 -7.31
CA ASP D 13 51.49 7.47 -6.49
C ASP D 13 51.79 5.97 -6.34
N GLN D 14 50.73 5.14 -6.36
CA GLN D 14 50.78 3.68 -6.24
C GLN D 14 51.15 2.95 -7.57
N LYS D 15 51.59 3.71 -8.61
CA LYS D 15 51.97 3.19 -9.94
C LYS D 15 52.95 1.99 -9.88
N GLU D 16 53.87 1.99 -8.90
CA GLU D 16 54.86 0.93 -8.66
C GLU D 16 54.21 -0.36 -8.10
N ASP D 17 53.19 -0.22 -7.24
CA ASP D 17 52.47 -1.35 -6.66
C ASP D 17 51.57 -2.07 -7.68
N LEU D 18 51.10 -1.34 -8.74
CA LEU D 18 50.28 -1.90 -9.83
C LEU D 18 51.14 -2.82 -10.70
N GLU D 19 52.40 -2.42 -10.99
CA GLU D 19 53.33 -3.24 -11.77
C GLU D 19 53.69 -4.49 -10.97
N ARG D 20 53.71 -4.38 -9.62
CA ARG D 20 53.99 -5.52 -8.75
C ARG D 20 52.90 -6.56 -8.91
N GLN D 21 51.62 -6.14 -8.78
CA GLN D 21 50.42 -6.98 -8.95
C GLN D 21 50.47 -7.75 -10.26
N ILE D 22 50.73 -7.03 -11.37
CA ILE D 22 50.85 -7.61 -12.70
C ILE D 22 51.85 -8.77 -12.72
N ASN D 23 53.07 -8.57 -12.21
CA ASN D 23 54.12 -9.61 -12.17
C ASN D 23 53.81 -10.73 -11.15
N TYR D 24 53.20 -10.34 -10.01
CA TYR D 24 52.78 -11.25 -8.96
C TYR D 24 51.81 -12.30 -9.55
N LEU D 25 50.89 -11.87 -10.45
CA LEU D 25 49.92 -12.75 -11.16
C LEU D 25 50.51 -13.36 -12.46
N THR D 26 51.46 -12.66 -13.11
CA THR D 26 52.11 -13.14 -14.33
C THR D 26 52.84 -14.48 -14.12
N ASN D 27 53.70 -14.59 -13.08
CA ASN D 27 54.41 -15.85 -12.86
C ASN D 27 53.49 -16.84 -12.14
N TYR D 28 52.37 -16.35 -11.57
CA TYR D 28 51.35 -17.19 -10.95
C TYR D 28 50.57 -17.95 -12.05
N ALA D 29 50.38 -17.29 -13.23
CA ALA D 29 49.71 -17.88 -14.39
C ALA D 29 50.64 -18.90 -15.03
N THR D 30 51.97 -18.62 -15.03
CA THR D 30 52.95 -19.57 -15.58
C THR D 30 53.14 -20.73 -14.58
N ALA D 31 52.73 -20.51 -13.31
CA ALA D 31 52.79 -21.57 -12.32
C ALA D 31 51.65 -22.55 -12.62
N LYS D 32 50.41 -22.04 -12.83
CA LYS D 32 49.24 -22.88 -13.16
C LYS D 32 49.27 -23.44 -14.63
N GLY D 33 50.23 -22.98 -15.45
CA GLY D 33 50.38 -23.40 -16.84
C GLY D 33 49.52 -22.66 -17.86
N TYR D 34 48.80 -21.59 -17.41
CA TYR D 34 47.90 -20.80 -18.27
C TYR D 34 48.63 -19.68 -19.01
N LYS D 35 48.24 -19.45 -20.29
CA LYS D 35 48.74 -18.43 -21.21
C LYS D 35 48.02 -17.12 -20.94
N VAL D 36 48.77 -16.05 -20.64
CA VAL D 36 48.16 -14.75 -20.36
C VAL D 36 47.76 -14.12 -21.70
N VAL D 37 46.44 -14.05 -21.98
CA VAL D 37 45.89 -13.49 -23.21
C VAL D 37 46.04 -11.97 -23.24
N GLU D 38 45.60 -11.28 -22.19
CA GLU D 38 45.64 -9.83 -22.08
C GLU D 38 45.91 -9.40 -20.64
N VAL D 39 46.37 -8.16 -20.45
CA VAL D 39 46.59 -7.54 -19.14
C VAL D 39 45.84 -6.21 -19.12
N LEU D 40 44.78 -6.11 -18.31
CA LEU D 40 43.96 -4.89 -18.18
C LEU D 40 44.19 -4.25 -16.82
N LYS D 41 44.42 -2.94 -16.82
CA LYS D 41 44.72 -2.19 -15.60
C LYS D 41 43.86 -0.93 -15.46
N ASP D 42 43.85 -0.33 -14.26
CA ASP D 42 43.13 0.92 -13.96
C ASP D 42 43.74 1.63 -12.76
N ILE D 43 43.85 2.98 -12.84
CA ILE D 43 44.29 3.81 -11.73
C ILE D 43 43.02 4.57 -11.26
N ALA D 44 42.12 3.85 -10.55
CA ALA D 44 40.86 4.38 -10.05
C ALA D 44 40.33 3.59 -8.84
N SER D 45 39.31 4.15 -8.16
CA SER D 45 38.66 3.56 -6.99
C SER D 45 37.82 2.33 -7.37
N GLY D 46 37.75 1.35 -6.46
CA GLY D 46 36.93 0.14 -6.61
C GLY D 46 35.44 0.44 -6.71
N LEU D 47 35.04 1.63 -6.20
CA LEU D 47 33.70 2.18 -6.20
C LEU D 47 33.23 2.58 -7.61
N ASN D 48 34.16 2.92 -8.52
CA ASN D 48 33.79 3.31 -9.89
C ASN D 48 33.48 2.08 -10.76
N THR D 49 32.18 1.88 -11.01
CA THR D 49 31.65 0.79 -11.82
C THR D 49 31.89 1.02 -13.33
N GLN D 50 32.41 2.21 -13.70
CA GLN D 50 32.60 2.56 -15.11
C GLN D 50 34.07 2.72 -15.50
N ARG D 51 34.95 1.96 -14.82
CA ARG D 51 36.40 1.94 -15.11
C ARG D 51 36.62 1.41 -16.52
N LYS D 52 37.43 2.14 -17.33
CA LYS D 52 37.77 1.81 -18.71
C LYS D 52 38.26 0.37 -18.89
N GLY D 53 39.20 -0.05 -18.04
CA GLY D 53 39.80 -1.38 -18.05
C GLY D 53 38.84 -2.48 -17.61
N LEU D 54 37.98 -2.16 -16.63
CA LEU D 54 36.97 -3.07 -16.11
C LEU D 54 35.94 -3.37 -17.18
N LEU D 55 35.49 -2.34 -17.92
CA LEU D 55 34.49 -2.50 -18.98
C LEU D 55 35.07 -3.22 -20.22
N LYS D 56 36.43 -3.16 -20.41
CA LYS D 56 37.14 -3.87 -21.48
C LYS D 56 37.20 -5.36 -21.10
N LEU D 57 37.34 -5.63 -19.77
CA LEU D 57 37.36 -6.97 -19.17
C LEU D 57 36.00 -7.63 -19.36
N PHE D 58 34.93 -6.87 -19.10
CA PHE D 58 33.57 -7.35 -19.25
C PHE D 58 33.33 -7.81 -20.68
N LYS D 59 33.75 -6.98 -21.68
CA LYS D 59 33.60 -7.28 -23.09
C LYS D 59 34.45 -8.47 -23.53
N LEU D 60 35.65 -8.65 -22.93
CA LEU D 60 36.56 -9.77 -23.21
C LEU D 60 35.92 -11.09 -22.76
N VAL D 61 35.42 -11.14 -21.51
CA VAL D 61 34.75 -12.28 -20.88
C VAL D 61 33.45 -12.65 -21.64
N GLU D 62 32.68 -11.64 -22.10
CA GLU D 62 31.46 -11.81 -22.90
C GLU D 62 31.74 -12.34 -24.32
N GLY D 63 32.93 -12.05 -24.83
CA GLY D 63 33.39 -12.49 -26.14
C GLY D 63 33.91 -13.91 -26.16
N ARG D 64 33.84 -14.59 -24.98
CA ARG D 64 34.26 -15.98 -24.71
C ARG D 64 35.69 -16.30 -25.21
N SER D 65 36.55 -15.26 -25.24
CA SER D 65 37.95 -15.36 -25.66
C SER D 65 38.80 -16.00 -24.53
N VAL D 66 38.61 -15.50 -23.30
CA VAL D 66 39.33 -15.93 -22.09
C VAL D 66 38.57 -17.03 -21.31
N ASP D 67 39.30 -17.81 -20.49
CA ASP D 67 38.76 -18.91 -19.66
C ASP D 67 38.81 -18.65 -18.14
N VAL D 68 39.73 -17.75 -17.68
CA VAL D 68 39.92 -17.39 -16.27
C VAL D 68 40.42 -15.92 -16.09
N VAL D 69 40.06 -15.26 -14.98
CA VAL D 69 40.46 -13.88 -14.65
C VAL D 69 41.32 -13.95 -13.39
N LEU D 70 42.50 -13.35 -13.43
CA LEU D 70 43.38 -13.33 -12.28
C LEU D 70 43.44 -11.95 -11.65
N ILE D 71 43.18 -11.87 -10.36
CA ILE D 71 43.23 -10.64 -9.59
C ILE D 71 43.99 -11.02 -8.30
N THR D 72 44.67 -10.07 -7.62
CA THR D 72 45.41 -10.42 -6.38
C THR D 72 44.42 -10.65 -5.21
N TYR D 73 43.52 -9.68 -4.99
CA TYR D 73 42.47 -9.66 -3.97
C TYR D 73 41.15 -9.28 -4.65
N LYS D 74 40.00 -9.73 -4.07
CA LYS D 74 38.65 -9.42 -4.59
C LYS D 74 38.47 -7.89 -4.68
N ASP D 75 39.02 -7.17 -3.70
CA ASP D 75 39.07 -5.73 -3.51
C ASP D 75 39.41 -4.99 -4.82
N ARG D 76 40.43 -5.53 -5.57
CA ARG D 76 40.94 -5.01 -6.85
C ARG D 76 39.86 -4.95 -7.94
N LEU D 77 39.05 -6.02 -8.07
CA LEU D 77 38.02 -6.10 -9.08
C LEU D 77 36.94 -5.07 -8.87
N THR D 78 36.44 -4.94 -7.62
CA THR D 78 35.38 -3.99 -7.23
C THR D 78 35.24 -3.90 -5.72
N ARG D 79 34.92 -2.69 -5.21
CA ARG D 79 34.70 -2.47 -3.78
C ARG D 79 33.44 -3.18 -3.32
N PHE D 80 32.34 -3.01 -4.10
CA PHE D 80 31.05 -3.65 -3.82
C PHE D 80 30.53 -4.44 -5.00
N GLY D 81 29.74 -5.45 -4.69
CA GLY D 81 29.09 -6.29 -5.70
C GLY D 81 29.96 -7.25 -6.47
N PHE D 82 30.99 -7.85 -5.80
CA PHE D 82 31.87 -8.85 -6.40
C PHE D 82 31.04 -10.04 -6.92
N GLU D 83 30.00 -10.40 -6.14
CA GLU D 83 29.10 -11.53 -6.37
C GLU D 83 28.35 -11.40 -7.70
N TYR D 84 27.99 -10.15 -8.10
CA TYR D 84 27.31 -9.87 -9.36
C TYR D 84 28.28 -10.08 -10.52
N ILE D 85 29.54 -9.58 -10.38
CA ILE D 85 30.58 -9.74 -11.39
C ILE D 85 30.89 -11.22 -11.55
N GLU D 86 31.01 -11.92 -10.41
CA GLU D 86 31.25 -13.37 -10.32
C GLU D 86 30.18 -14.11 -11.11
N GLU D 87 28.91 -13.69 -10.97
CA GLU D 87 27.78 -14.28 -11.67
C GLU D 87 27.79 -13.98 -13.18
N LEU D 88 28.18 -12.75 -13.57
CA LEU D 88 28.25 -12.33 -14.96
C LEU D 88 29.27 -13.18 -15.71
N PHE D 89 30.45 -13.35 -15.10
CA PHE D 89 31.55 -14.10 -15.69
C PHE D 89 31.24 -15.59 -15.76
N SER D 90 30.69 -16.18 -14.66
CA SER D 90 30.33 -17.59 -14.60
C SER D 90 29.36 -18.01 -15.70
N THR D 91 28.41 -17.12 -16.10
CA THR D 91 27.46 -17.43 -17.16
C THR D 91 28.20 -17.57 -18.51
N MET D 92 29.39 -16.94 -18.63
CA MET D 92 30.27 -17.02 -19.81
C MET D 92 31.29 -18.15 -19.62
N GLY D 93 31.17 -18.88 -18.51
CA GLY D 93 32.06 -19.99 -18.15
C GLY D 93 33.47 -19.55 -17.81
N VAL D 94 33.59 -18.36 -17.22
CA VAL D 94 34.85 -17.76 -16.83
C VAL D 94 34.90 -17.75 -15.31
N LYS D 95 36.00 -18.26 -14.74
CA LYS D 95 36.21 -18.30 -13.29
C LYS D 95 37.11 -17.15 -12.86
N ILE D 96 36.94 -16.63 -11.62
CA ILE D 96 37.83 -15.60 -11.05
C ILE D 96 38.77 -16.31 -10.07
N GLU D 97 40.08 -16.26 -10.33
CA GLU D 97 41.10 -16.88 -9.48
C GLU D 97 41.75 -15.83 -8.59
N VAL D 98 41.49 -15.90 -7.27
CA VAL D 98 42.02 -14.95 -6.28
C VAL D 98 43.27 -15.54 -5.64
N VAL D 99 44.45 -15.01 -6.03
CA VAL D 99 45.78 -15.42 -5.59
C VAL D 99 45.97 -15.27 -4.07
N PHE D 100 45.40 -14.22 -3.43
CA PHE D 100 45.60 -14.04 -1.98
C PHE D 100 44.33 -14.28 -1.11
N GLY D 101 43.16 -13.82 -1.53
CA GLY D 101 41.89 -14.00 -0.82
C GLY D 101 41.76 -13.21 0.48
N THR D 108 44.63 -0.19 3.50
CA THR D 108 44.00 0.48 4.62
C THR D 108 43.70 1.94 4.31
N GLN D 109 44.71 2.72 3.84
CA GLN D 109 44.52 4.10 3.38
C GLN D 109 43.46 4.15 2.23
N GLU D 110 43.29 3.02 1.52
CA GLU D 110 42.30 2.86 0.45
C GLU D 110 40.92 2.71 1.05
N LEU D 111 40.81 1.99 2.17
CA LEU D 111 39.55 1.76 2.89
C LEU D 111 38.97 3.07 3.44
N VAL D 112 39.84 3.96 3.99
CA VAL D 112 39.39 5.23 4.54
C VAL D 112 39.01 6.22 3.42
N GLU D 113 39.74 6.19 2.27
CA GLU D 113 39.46 7.05 1.12
C GLU D 113 38.12 6.66 0.48
N ASP D 114 37.88 5.34 0.33
CA ASP D 114 36.63 4.77 -0.21
C ASP D 114 35.46 5.09 0.75
N LEU D 115 35.69 5.00 2.09
CA LEU D 115 34.67 5.29 3.10
C LEU D 115 34.20 6.75 3.10
N ILE D 116 35.11 7.71 2.81
CA ILE D 116 34.78 9.14 2.69
C ILE D 116 33.84 9.35 1.49
N SER D 117 34.20 8.76 0.32
CA SER D 117 33.43 8.80 -0.93
C SER D 117 31.99 8.25 -0.78
N ILE D 118 31.81 7.22 0.11
CA ILE D 118 30.51 6.59 0.42
C ILE D 118 29.67 7.56 1.29
N ILE D 119 30.27 8.06 2.38
CA ILE D 119 29.63 9.01 3.30
C ILE D 119 29.21 10.29 2.55
N THR D 120 30.07 10.80 1.62
CA THR D 120 29.76 11.98 0.79
C THR D 120 28.54 11.76 -0.11
N SER D 121 28.50 10.60 -0.81
CA SER D 121 27.38 10.25 -1.70
C SER D 121 26.07 10.09 -0.90
N PHE D 122 26.10 9.27 0.18
CA PHE D 122 24.98 9.02 1.10
C PHE D 122 24.48 10.32 1.73
N ALA D 123 25.39 11.24 2.13
CA ALA D 123 25.04 12.55 2.70
C ALA D 123 24.20 13.35 1.71
N GLY D 124 24.56 13.25 0.43
CA GLY D 124 23.83 13.88 -0.66
C GLY D 124 22.45 13.29 -0.81
N LYS D 125 22.36 11.94 -0.75
CA LYS D 125 21.09 11.21 -0.84
C LYS D 125 20.16 11.54 0.35
N ILE D 126 20.73 11.66 1.57
CA ILE D 126 20.01 11.94 2.81
C ILE D 126 19.61 13.43 2.95
N TYR D 127 20.57 14.35 2.77
CA TYR D 127 20.36 15.79 2.99
C TYR D 127 20.24 16.66 1.70
N GLY D 128 20.93 16.29 0.64
CA GLY D 128 20.94 17.02 -0.63
C GLY D 128 22.33 17.10 -1.21
N MET D 129 22.49 16.74 -2.51
CA MET D 129 23.78 16.71 -3.24
C MET D 129 24.56 18.04 -3.20
N ARG D 130 23.87 19.16 -2.92
CA ARG D 130 24.44 20.50 -2.77
C ARG D 130 23.86 21.22 -1.54
N SER D 131 23.60 20.45 -0.44
CA SER D 131 23.03 20.95 0.81
C SER D 131 24.09 21.29 1.87
N HIS D 132 23.72 22.13 2.86
CA HIS D 132 24.58 22.57 3.96
C HIS D 132 24.85 21.45 4.96
N LYS D 133 23.80 20.68 5.33
CA LYS D 133 23.90 19.56 6.26
C LYS D 133 24.81 18.42 5.75
N LYS D 134 24.90 18.24 4.41
CA LYS D 134 25.77 17.25 3.76
C LYS D 134 27.23 17.60 4.04
N THR D 135 27.59 18.89 3.90
CA THR D 135 28.92 19.44 4.17
C THR D 135 29.29 19.27 5.65
N VAL D 136 28.28 19.46 6.55
CA VAL D 136 28.41 19.33 8.01
C VAL D 136 28.88 17.92 8.39
N LEU D 137 28.20 16.88 7.87
CA LEU D 137 28.52 15.48 8.15
C LEU D 137 29.88 15.07 7.58
N VAL D 138 30.20 15.45 6.33
CA VAL D 138 31.46 15.08 5.68
C VAL D 138 32.68 15.79 6.30
N GLN D 139 32.51 17.05 6.78
CA GLN D 139 33.61 17.78 7.44
C GLN D 139 33.84 17.20 8.84
N GLY D 140 32.76 16.76 9.47
CA GLY D 140 32.77 16.17 10.81
C GLY D 140 33.39 14.79 10.85
N VAL D 141 33.02 13.92 9.89
CA VAL D 141 33.53 12.54 9.75
C VAL D 141 35.04 12.56 9.47
N LYS D 142 35.49 13.49 8.60
CA LYS D 142 36.90 13.70 8.26
C LYS D 142 37.71 14.08 9.51
N LYS D 143 37.12 14.94 10.37
CA LYS D 143 37.71 15.39 11.64
C LYS D 143 37.71 14.26 12.67
N LEU D 144 36.63 13.44 12.69
CA LEU D 144 36.46 12.31 13.61
C LEU D 144 37.47 11.18 13.40
N ILE D 145 37.89 10.92 12.14
CA ILE D 145 38.88 9.88 11.82
C ILE D 145 40.27 10.30 12.30
N GLY D 146 40.50 11.62 12.40
CA GLY D 146 41.73 12.23 12.89
C GLY D 146 42.18 11.74 14.25
N GLU D 147 41.23 11.52 15.19
CA GLU D 147 41.44 11.04 16.57
C GLU D 147 42.14 12.09 17.42
#